data_5U77
#
_entry.id   5U77
#
_cell.length_a   57.079
_cell.length_b   57.079
_cell.length_c   154.949
_cell.angle_alpha   90.00
_cell.angle_beta   90.00
_cell.angle_gamma   120.00
#
_symmetry.space_group_name_H-M   'P 65 2 2'
#
loop_
_entity.id
_entity.type
_entity.pdbx_description
1 polymer 'Oxysterol-binding protein-related protein 8'
2 non-polymer N-(2-hydroxyethyl)-N,N-dimethyl-3-sulfopropan-1-aminium
3 non-polymer 'FORMIC ACID'
4 water water
#
_entity_poly.entity_id   1
_entity_poly.type   'polypeptide(L)'
_entity_poly.pdbx_seq_one_letter_code
;GSSGIVMADWLKIRGTLKSWTKLWCVLKPGVLLIYKTQKNGQWVGTVLLNACEIIERPSKKDGFCFKLFHPLEQSIWAVK
GPKGEAVGSITQPLPSSYLIIRATSESDGRCWMDALELALKSG
;
_entity_poly.pdbx_strand_id   A
#
# COMPACT_ATOMS: atom_id res chain seq x y z
N GLY A 4 -7.06 1.68 15.85
CA GLY A 4 -6.46 2.97 15.59
C GLY A 4 -6.46 3.35 14.12
N ILE A 5 -7.49 2.92 13.40
CA ILE A 5 -7.54 3.13 11.97
C ILE A 5 -7.71 4.59 11.58
N VAL A 6 -6.95 5.03 10.60
CA VAL A 6 -7.08 6.38 10.10
C VAL A 6 -7.89 6.45 8.83
N MET A 7 -7.56 5.57 7.89
CA MET A 7 -8.28 5.44 6.63
C MET A 7 -8.34 3.96 6.27
N ALA A 8 -9.46 3.51 5.72
CA ALA A 8 -9.53 2.19 5.13
C ALA A 8 -10.36 2.17 3.84
N ASP A 9 -9.80 1.63 2.78
CA ASP A 9 -10.47 1.57 1.49
C ASP A 9 -9.81 0.57 0.55
N TRP A 10 -10.52 0.21 -0.50
CA TRP A 10 -9.95 -0.54 -1.58
C TRP A 10 -8.97 0.33 -2.29
N LEU A 11 -7.80 -0.19 -2.58
CA LEU A 11 -6.86 0.54 -3.40
C LEU A 11 -6.31 -0.35 -4.48
N LYS A 12 -5.93 0.25 -5.59
CA LYS A 12 -5.35 -0.51 -6.68
C LYS A 12 -3.83 -0.43 -6.65
N ILE A 13 -3.20 -1.58 -6.59
CA ILE A 13 -1.79 -1.69 -6.34
C ILE A 13 -1.06 -2.42 -7.45
N ARG A 14 0.08 -1.90 -7.87
CA ARG A 14 0.89 -2.58 -8.85
C ARG A 14 2.35 -2.63 -8.45
N GLY A 15 3.05 -3.59 -9.05
CA GLY A 15 4.47 -3.76 -8.91
C GLY A 15 5.16 -3.54 -10.24
N THR A 16 6.12 -4.39 -10.54
CA THR A 16 6.87 -4.30 -11.78
C THR A 16 5.94 -4.51 -12.95
N LEU A 17 5.04 -5.46 -12.79
CA LEU A 17 4.11 -5.82 -13.84
C LEU A 17 3.05 -4.75 -14.02
N LYS A 18 2.58 -4.60 -15.24
CA LYS A 18 1.58 -3.61 -15.59
C LYS A 18 0.25 -3.87 -14.91
N SER A 19 0.07 -5.08 -14.42
CA SER A 19 -1.17 -5.52 -13.80
C SER A 19 -1.48 -4.83 -12.47
N TRP A 20 -2.76 -4.57 -12.23
CA TRP A 20 -3.23 -3.92 -11.03
C TRP A 20 -4.04 -4.86 -10.20
N THR A 21 -3.82 -4.90 -8.91
CA THR A 21 -4.61 -5.74 -8.04
C THR A 21 -5.35 -4.91 -6.98
N LYS A 22 -6.62 -5.22 -6.79
CA LYS A 22 -7.45 -4.44 -5.88
C LYS A 22 -7.42 -5.11 -4.53
N LEU A 23 -6.94 -4.39 -3.54
CA LEU A 23 -6.72 -4.96 -2.23
C LEU A 23 -7.22 -4.03 -1.13
N TRP A 24 -7.44 -4.59 0.04
CA TRP A 24 -8.01 -3.85 1.12
C TRP A 24 -6.92 -3.36 2.02
N CYS A 25 -6.77 -2.06 2.10
CA CYS A 25 -5.66 -1.46 2.80
C CYS A 25 -6.12 -0.64 4.01
N VAL A 26 -5.47 -0.87 5.14
CA VAL A 26 -5.80 -0.16 6.34
C VAL A 26 -4.65 0.74 6.75
N LEU A 27 -4.91 2.02 6.89
CA LEU A 27 -3.88 2.93 7.32
C LEU A 27 -4.03 3.25 8.80
N LYS A 28 -3.00 2.97 9.56
CA LYS A 28 -2.96 3.32 10.96
C LYS A 28 -1.55 3.78 11.28
N PRO A 29 -1.30 4.27 12.48
CA PRO A 29 -0.02 4.93 12.71
C PRO A 29 1.14 4.00 12.47
N GLY A 30 2.00 4.41 11.56
CA GLY A 30 3.25 3.73 11.26
C GLY A 30 3.17 2.65 10.19
N VAL A 31 1.97 2.16 9.89
CA VAL A 31 1.84 1.04 8.97
C VAL A 31 0.70 1.16 7.97
N LEU A 32 0.91 0.59 6.80
CA LEU A 32 -0.17 0.35 5.87
C LEU A 32 -0.38 -1.13 5.83
N LEU A 33 -1.53 -1.59 6.25
CA LEU A 33 -1.78 -3.00 6.30
C LEU A 33 -2.58 -3.41 5.09
N ILE A 34 -2.14 -4.48 4.43
CA ILE A 34 -2.77 -4.89 3.22
C ILE A 34 -3.40 -6.26 3.38
N TYR A 35 -4.66 -6.36 2.95
CA TYR A 35 -5.45 -7.57 3.06
C TYR A 35 -6.16 -7.78 1.73
N LYS A 36 -6.51 -9.03 1.47
CA LYS A 36 -7.33 -9.37 0.32
C LYS A 36 -8.76 -8.85 0.41
N THR A 37 -9.36 -8.94 1.58
CA THR A 37 -10.72 -8.49 1.78
C THR A 37 -10.85 -7.68 3.05
N GLN A 38 -11.89 -6.87 3.12
CA GLN A 38 -12.21 -6.15 4.33
C GLN A 38 -12.63 -7.16 5.38
N LYS A 39 -13.28 -8.21 4.92
CA LYS A 39 -13.94 -9.14 5.80
C LYS A 39 -13.18 -10.45 5.85
N ASN A 40 -12.71 -10.81 7.03
CA ASN A 40 -11.97 -12.08 7.15
C ASN A 40 -10.80 -12.05 6.19
N GLY A 41 -10.14 -10.91 6.12
CA GLY A 41 -9.08 -10.73 5.15
C GLY A 41 -7.88 -11.62 5.42
N GLN A 42 -7.31 -12.15 4.36
CA GLN A 42 -6.04 -12.81 4.49
C GLN A 42 -5.00 -11.71 4.38
N TRP A 43 -4.05 -11.70 5.30
CA TRP A 43 -3.04 -10.66 5.30
C TRP A 43 -2.07 -10.87 4.19
N VAL A 44 -1.89 -9.86 3.35
CA VAL A 44 -0.89 -9.92 2.30
C VAL A 44 0.49 -9.42 2.73
N GLY A 45 0.55 -8.20 3.23
CA GLY A 45 1.77 -7.63 3.72
C GLY A 45 1.54 -6.39 4.55
N THR A 46 2.57 -5.94 5.26
CA THR A 46 2.50 -4.68 5.93
C THR A 46 3.63 -3.74 5.53
N VAL A 47 3.29 -2.56 5.03
CA VAL A 47 4.30 -1.58 4.73
C VAL A 47 4.68 -0.79 5.98
N LEU A 48 5.96 -0.66 6.24
CA LEU A 48 6.40 0.17 7.35
C LEU A 48 6.65 1.57 6.84
N LEU A 49 5.78 2.48 7.21
CA LEU A 49 5.84 3.82 6.69
C LEU A 49 7.10 4.54 7.11
N ASN A 50 7.69 4.09 8.20
CA ASN A 50 8.89 4.71 8.74
C ASN A 50 10.03 4.61 7.73
N ALA A 51 9.96 3.61 6.88
CA ALA A 51 10.99 3.37 5.91
C ALA A 51 10.65 3.93 4.55
N CYS A 52 9.62 4.74 4.45
CA CYS A 52 9.15 5.20 3.15
C CYS A 52 9.15 6.70 2.95
N GLU A 53 9.16 7.06 1.68
CA GLU A 53 8.93 8.39 1.22
C GLU A 53 7.79 8.25 0.23
N ILE A 54 7.07 9.33 -0.05
CA ILE A 54 5.98 9.24 -0.97
C ILE A 54 6.07 10.25 -2.08
N ILE A 55 5.79 9.83 -3.29
CA ILE A 55 5.79 10.73 -4.41
C ILE A 55 4.60 10.49 -5.32
N GLU A 56 4.13 11.56 -5.96
CA GLU A 56 3.09 11.45 -6.96
C GLU A 56 3.61 10.77 -8.21
N ARG A 57 2.78 9.97 -8.85
CA ARG A 57 3.18 9.26 -10.05
C ARG A 57 2.15 9.37 -11.16
N PRO A 58 2.11 10.49 -11.84
CA PRO A 58 1.08 10.73 -12.84
C PRO A 58 1.19 9.78 -13.99
N SER A 59 0.06 9.23 -14.43
CA SER A 59 0.06 8.13 -15.40
C SER A 59 -1.22 7.98 -16.24
N LYS A 60 -1.07 7.16 -17.27
CA LYS A 60 -2.08 6.91 -18.30
C LYS A 60 -3.37 6.29 -17.76
N LYS A 61 -3.25 5.25 -16.94
CA LYS A 61 -4.39 4.76 -16.19
C LYS A 61 -4.19 5.38 -14.86
N ASP A 62 -4.91 6.45 -14.55
CA ASP A 62 -4.58 7.19 -13.36
C ASP A 62 -5.52 7.14 -12.16
N GLY A 63 -6.81 7.43 -12.35
CA GLY A 63 -7.59 7.67 -11.14
C GLY A 63 -6.73 8.77 -10.58
N PHE A 64 -6.17 8.57 -9.40
CA PHE A 64 -5.00 9.32 -8.95
C PHE A 64 -3.88 8.35 -8.54
N CYS A 65 -2.67 8.62 -8.99
CA CYS A 65 -1.56 7.69 -8.81
C CYS A 65 -0.36 8.21 -8.03
N PHE A 66 0.09 7.44 -7.04
CA PHE A 66 1.28 7.76 -6.28
C PHE A 66 2.15 6.57 -5.94
N LYS A 67 3.36 6.86 -5.49
CA LYS A 67 4.38 5.84 -5.25
C LYS A 67 4.93 5.88 -3.83
N LEU A 68 5.00 4.74 -3.20
CA LEU A 68 5.57 4.60 -1.86
C LEU A 68 6.89 3.83 -1.97
N PHE A 69 7.99 4.38 -1.48
CA PHE A 69 9.29 3.74 -1.70
C PHE A 69 10.31 3.94 -0.60
N HIS A 70 11.26 3.01 -0.55
CA HIS A 70 12.36 3.10 0.37
C HIS A 70 13.45 3.90 -0.28
N PRO A 71 13.93 4.93 0.37
CA PRO A 71 14.90 5.84 -0.22
C PRO A 71 16.22 5.18 -0.55
N LEU A 72 16.58 4.11 0.15
CA LEU A 72 17.78 3.35 -0.13
C LEU A 72 17.47 2.05 -0.88
N GLU A 73 16.27 1.96 -1.42
CA GLU A 73 15.85 0.81 -2.25
C GLU A 73 15.99 -0.48 -1.49
N GLN A 74 15.70 -0.41 -0.21
CA GLN A 74 15.63 -1.57 0.64
C GLN A 74 14.19 -1.98 0.88
N SER A 75 13.97 -2.96 1.74
CA SER A 75 12.64 -3.49 1.97
C SER A 75 11.73 -2.55 2.76
N ILE A 76 10.50 -2.42 2.31
CA ILE A 76 9.49 -1.64 3.00
C ILE A 76 8.53 -2.52 3.77
N TRP A 77 8.84 -3.79 3.88
CA TRP A 77 7.87 -4.75 4.34
C TRP A 77 8.18 -5.34 5.68
N ALA A 78 7.15 -5.42 6.51
CA ALA A 78 7.28 -6.04 7.81
C ALA A 78 7.52 -7.53 7.65
N VAL A 79 8.35 -8.06 8.53
CA VAL A 79 8.68 -9.46 8.51
C VAL A 79 7.51 -10.35 8.91
N LYS A 80 6.71 -9.88 9.85
CA LYS A 80 5.64 -10.68 10.40
C LYS A 80 4.30 -9.96 10.33
N GLY A 81 3.26 -10.77 10.29
CA GLY A 81 1.90 -10.26 10.19
C GLY A 81 1.43 -9.67 11.49
N PRO A 82 0.35 -8.92 11.41
CA PRO A 82 -0.18 -8.18 12.55
C PRO A 82 -0.61 -9.14 13.63
N LYS A 83 -0.84 -10.37 13.26
CA LYS A 83 -1.13 -11.42 14.21
C LYS A 83 -0.04 -12.48 14.22
N GLY A 84 1.16 -12.08 13.81
CA GLY A 84 2.29 -13.00 13.88
C GLY A 84 2.38 -13.93 12.69
N GLU A 85 1.63 -13.61 11.65
CA GLU A 85 1.53 -14.49 10.50
C GLU A 85 2.90 -14.65 9.87
N ALA A 86 3.32 -15.89 9.69
CA ALA A 86 4.62 -16.18 9.11
C ALA A 86 4.76 -15.76 7.65
N VAL A 87 3.73 -16.01 6.85
CA VAL A 87 3.85 -15.74 5.45
C VAL A 87 2.59 -15.13 4.89
N GLY A 88 2.76 -14.24 3.92
CA GLY A 88 1.64 -13.50 3.34
C GLY A 88 0.85 -14.27 2.32
N SER A 89 -0.38 -13.82 2.11
CA SER A 89 -1.28 -14.40 1.14
C SER A 89 -0.81 -14.11 -0.28
N ILE A 90 -1.03 -15.06 -1.17
CA ILE A 90 -0.48 -14.98 -2.50
C ILE A 90 -1.12 -13.92 -3.34
N THR A 91 -0.31 -13.10 -3.97
CA THR A 91 -0.77 -12.08 -4.88
C THR A 91 0.17 -12.05 -6.04
N GLN A 92 -0.10 -11.16 -6.96
CA GLN A 92 0.81 -10.89 -8.01
C GLN A 92 2.03 -10.36 -7.31
N PRO A 93 3.20 -10.65 -7.83
CA PRO A 93 4.42 -10.37 -7.09
C PRO A 93 4.58 -8.87 -6.87
N LEU A 94 4.79 -8.46 -5.63
CA LEU A 94 4.96 -7.07 -5.33
C LEU A 94 6.43 -6.72 -5.06
N PRO A 95 6.85 -5.51 -5.35
CA PRO A 95 8.27 -5.14 -5.19
C PRO A 95 8.72 -5.10 -3.75
N SER A 96 9.98 -5.38 -3.53
CA SER A 96 10.55 -5.28 -2.21
C SER A 96 10.53 -3.88 -1.66
N SER A 97 10.88 -2.91 -2.48
CA SER A 97 11.16 -1.59 -2.00
C SER A 97 10.22 -0.47 -2.41
N TYR A 98 9.14 -0.79 -3.13
CA TYR A 98 8.15 0.21 -3.46
C TYR A 98 6.78 -0.38 -3.75
N LEU A 99 5.77 0.48 -3.65
CA LEU A 99 4.43 0.20 -4.12
C LEU A 99 3.95 1.35 -4.98
N ILE A 100 3.33 1.04 -6.10
CA ILE A 100 2.66 2.06 -6.88
C ILE A 100 1.17 1.94 -6.60
N ILE A 101 0.56 3.03 -6.22
CA ILE A 101 -0.80 3.01 -5.74
C ILE A 101 -1.72 4.01 -6.43
N ARG A 102 -2.87 3.54 -6.88
CA ARG A 102 -3.87 4.46 -7.36
C ARG A 102 -5.23 4.18 -6.73
N ALA A 103 -5.88 5.23 -6.28
CA ALA A 103 -7.25 5.15 -5.83
C ALA A 103 -8.19 5.24 -7.02
N THR A 104 -9.37 4.66 -6.88
CA THR A 104 -10.31 4.59 -7.97
C THR A 104 -10.78 5.96 -8.42
N SER A 105 -10.88 6.89 -7.49
CA SER A 105 -11.26 8.25 -7.81
C SER A 105 -10.12 9.17 -7.46
N GLU A 106 -9.90 10.17 -8.29
CA GLU A 106 -8.76 11.07 -8.10
C GLU A 106 -8.89 11.77 -6.77
N SER A 107 -10.09 12.20 -6.40
CA SER A 107 -10.24 12.88 -5.13
C SER A 107 -9.90 11.94 -4.01
N ASP A 108 -10.30 10.69 -4.13
CA ASP A 108 -9.97 9.71 -3.10
C ASP A 108 -8.47 9.56 -3.05
N GLY A 109 -7.83 9.55 -4.21
CA GLY A 109 -6.38 9.34 -4.26
C GLY A 109 -5.65 10.43 -3.54
N ARG A 110 -6.11 11.66 -3.72
CA ARG A 110 -5.49 12.80 -3.08
C ARG A 110 -5.60 12.78 -1.57
N CYS A 111 -6.74 12.37 -1.05
CA CYS A 111 -6.88 12.24 0.39
C CYS A 111 -5.93 11.18 0.94
N TRP A 112 -5.78 10.09 0.21
CA TRP A 112 -4.87 9.05 0.65
C TRP A 112 -3.47 9.54 0.69
N MET A 113 -3.04 10.22 -0.36
CA MET A 113 -1.69 10.71 -0.43
C MET A 113 -1.37 11.71 0.65
N ASP A 114 -2.30 12.64 0.86
CA ASP A 114 -2.14 13.62 1.91
C ASP A 114 -2.13 12.94 3.26
N ALA A 115 -3.03 11.97 3.44
CA ALA A 115 -3.10 11.25 4.69
C ALA A 115 -1.81 10.49 4.95
N LEU A 116 -1.26 9.93 3.89
CA LEU A 116 -0.08 9.11 4.01
C LEU A 116 1.10 9.91 4.54
N GLU A 117 1.19 11.17 4.12
CA GLU A 117 2.33 11.98 4.50
C GLU A 117 2.40 12.12 6.02
N LEU A 118 1.25 12.27 6.64
CA LEU A 118 1.20 12.41 8.09
C LEU A 118 1.59 11.13 8.81
N ALA A 119 1.01 10.02 8.38
CA ALA A 119 1.19 8.78 9.07
C ALA A 119 2.62 8.29 8.96
N LEU A 120 3.41 8.95 8.13
CA LEU A 120 4.79 8.54 7.90
C LEU A 120 5.67 8.79 9.11
#